data_2IV4
#
_entry.id   2IV4
#
_cell.length_a   1.000
_cell.length_b   1.000
_cell.length_c   1.000
_cell.angle_alpha   90.00
_cell.angle_beta   90.00
_cell.angle_gamma   90.00
#
_symmetry.space_group_name_H-M   'P 1'
#
_entity_poly.entity_id   1
_entity_poly.type   'polypeptide(L)'
_entity_poly.pdbx_seq_one_letter_code
;VNITIKQHTVTTTTKG
;
_entity_poly.pdbx_strand_id   A
#
# COMPACT_ATOMS: atom_id res chain seq x y z
N VAL A 1 2.61 -12.65 2.51
CA VAL A 1 3.02 -11.31 2.87
C VAL A 1 1.90 -10.32 2.52
N ASN A 2 1.69 -9.37 3.40
CA ASN A 2 0.66 -8.36 3.20
C ASN A 2 1.24 -6.97 3.43
N ILE A 3 2.56 -6.92 3.46
CA ILE A 3 3.26 -5.66 3.68
C ILE A 3 3.41 -4.92 2.34
N THR A 4 3.99 -5.62 1.38
CA THR A 4 4.19 -5.05 0.06
C THR A 4 2.85 -4.65 -0.57
N ILE A 5 1.87 -5.51 -0.35
CA ILE A 5 0.53 -5.25 -0.88
C ILE A 5 -0.01 -3.96 -0.29
N LYS A 6 -0.01 -3.89 1.03
CA LYS A 6 -0.51 -2.72 1.72
C LYS A 6 0.29 -1.50 1.28
N GLN A 7 1.53 -1.75 0.86
CA GLN A 7 2.39 -0.69 0.40
C GLN A 7 1.97 -0.21 -0.99
N HIS A 8 1.89 -1.17 -1.91
CA HIS A 8 1.50 -0.87 -3.27
C HIS A 8 0.09 -0.28 -3.29
N THR A 9 -0.60 -0.44 -2.17
CA THR A 9 -1.95 0.07 -2.03
C THR A 9 -1.93 1.53 -1.62
N VAL A 10 -0.80 1.94 -1.05
CA VAL A 10 -0.64 3.31 -0.59
C VAL A 10 -0.43 4.21 -1.81
N THR A 11 -0.11 3.59 -2.93
CA THR A 11 0.12 4.33 -4.17
C THR A 11 -1.21 4.73 -4.79
N THR A 12 -2.20 3.87 -4.63
CA THR A 12 -3.52 4.12 -5.18
C THR A 12 -4.48 4.56 -4.07
N THR A 13 -4.01 4.42 -2.84
CA THR A 13 -4.82 4.80 -1.70
C THR A 13 -4.26 6.07 -1.04
N THR A 14 -2.99 6.32 -1.32
CA THR A 14 -2.33 7.50 -0.77
C THR A 14 -2.69 7.68 0.70
N LYS A 15 -2.56 6.60 1.45
CA LYS A 15 -2.88 6.62 2.87
C LYS A 15 -1.72 7.28 3.63
N GLY A 16 -1.74 8.61 3.61
CA GLY A 16 -0.70 9.36 4.29
C GLY A 16 0.69 9.03 3.75
N VAL A 1 3.90 -11.17 4.72
CA VAL A 1 3.86 -11.14 3.26
C VAL A 1 2.63 -10.34 2.81
N ASN A 2 2.31 -9.32 3.60
CA ASN A 2 1.17 -8.47 3.29
C ASN A 2 1.58 -7.00 3.46
N ILE A 3 2.89 -6.79 3.50
CA ILE A 3 3.41 -5.45 3.66
C ILE A 3 3.50 -4.77 2.29
N THR A 4 4.04 -5.51 1.34
CA THR A 4 4.20 -5.00 -0.02
C THR A 4 2.82 -4.68 -0.62
N ILE A 5 1.86 -5.55 -0.33
CA ILE A 5 0.52 -5.37 -0.83
C ILE A 5 -0.08 -4.07 -0.24
N LYS A 6 0.01 -3.97 1.07
CA LYS A 6 -0.50 -2.80 1.77
C LYS A 6 0.24 -1.55 1.28
N GLN A 7 1.48 -1.78 0.82
CA GLN A 7 2.30 -0.69 0.33
C GLN A 7 1.81 -0.23 -1.05
N HIS A 8 1.75 -1.19 -1.96
CA HIS A 8 1.31 -0.90 -3.32
C HIS A 8 -0.11 -0.31 -3.28
N THR A 9 -0.77 -0.52 -2.15
CA THR A 9 -2.12 0.00 -1.98
C THR A 9 -2.08 1.46 -1.54
N VAL A 10 -0.93 1.86 -1.01
CA VAL A 10 -0.75 3.23 -0.55
C VAL A 10 -0.57 4.15 -1.76
N THR A 11 0.02 3.59 -2.81
CA THR A 11 0.26 4.34 -4.01
C THR A 11 -1.07 4.81 -4.63
N THR A 12 -1.99 3.86 -4.75
CA THR A 12 -3.29 4.15 -5.31
C THR A 12 -4.16 4.88 -4.29
N THR A 13 -4.07 4.40 -3.06
CA THR A 13 -4.85 5.00 -1.97
C THR A 13 -4.19 6.29 -1.49
N THR A 14 -3.08 6.62 -2.13
CA THR A 14 -2.33 7.83 -1.77
C THR A 14 -2.34 8.02 -0.26
N LYS A 15 -1.99 6.95 0.45
CA LYS A 15 -1.94 6.99 1.90
C LYS A 15 -0.59 7.56 2.34
N GLY A 16 -0.38 8.82 2.00
CA GLY A 16 0.87 9.48 2.36
C GLY A 16 0.61 10.93 2.79
N VAL A 1 1.74 -12.84 3.78
CA VAL A 1 2.46 -11.61 3.53
C VAL A 1 1.49 -10.54 3.03
N ASN A 2 1.63 -9.35 3.58
CA ASN A 2 0.77 -8.24 3.19
C ASN A 2 1.49 -6.92 3.48
N ILE A 3 2.81 -6.98 3.42
CA ILE A 3 3.62 -5.80 3.67
C ILE A 3 3.69 -4.95 2.39
N THR A 4 4.06 -5.61 1.31
CA THR A 4 4.16 -4.93 0.03
C THR A 4 2.78 -4.52 -0.48
N ILE A 5 1.86 -5.48 -0.45
CA ILE A 5 0.51 -5.24 -0.90
C ILE A 5 -0.01 -3.95 -0.26
N LYS A 6 -0.03 -3.95 1.06
CA LYS A 6 -0.50 -2.80 1.80
C LYS A 6 0.25 -1.55 1.32
N GLN A 7 1.47 -1.77 0.86
CA GLN A 7 2.30 -0.68 0.36
C GLN A 7 1.81 -0.23 -1.01
N HIS A 8 1.70 -1.20 -1.91
CA HIS A 8 1.25 -0.91 -3.26
C HIS A 8 -0.16 -0.29 -3.22
N THR A 9 -0.80 -0.45 -2.07
CA THR A 9 -2.14 0.06 -1.89
C THR A 9 -2.08 1.55 -1.49
N VAL A 10 -0.93 1.95 -0.99
CA VAL A 10 -0.73 3.32 -0.57
C VAL A 10 -0.58 4.21 -1.81
N THR A 11 0.02 3.62 -2.84
CA THR A 11 0.24 4.35 -4.09
C THR A 11 -1.10 4.77 -4.69
N THR A 12 -1.99 3.79 -4.85
CA THR A 12 -3.30 4.05 -5.42
C THR A 12 -4.17 4.81 -4.41
N THR A 13 -3.99 4.48 -3.15
CA THR A 13 -4.76 5.11 -2.09
C THR A 13 -4.08 6.42 -1.66
N THR A 14 -3.01 6.75 -2.36
CA THR A 14 -2.26 7.96 -2.06
C THR A 14 -2.18 8.19 -0.55
N LYS A 15 -1.79 7.14 0.15
CA LYS A 15 -1.67 7.21 1.59
C LYS A 15 -0.31 7.81 1.96
N GLY A 16 -0.34 8.72 2.92
CA GLY A 16 0.88 9.37 3.37
C GLY A 16 0.75 10.89 3.30
N VAL A 1 3.17 -12.70 2.42
CA VAL A 1 3.50 -11.33 2.78
C VAL A 1 2.33 -10.41 2.43
N ASN A 2 2.08 -9.46 3.32
CA ASN A 2 0.99 -8.51 3.11
C ASN A 2 1.50 -7.09 3.37
N ILE A 3 2.83 -6.97 3.38
CA ILE A 3 3.45 -5.68 3.61
C ILE A 3 3.54 -4.91 2.29
N THR A 4 4.11 -5.58 1.29
CA THR A 4 4.27 -4.98 -0.02
C THR A 4 2.91 -4.62 -0.59
N ILE A 5 1.93 -5.48 -0.33
CA ILE A 5 0.58 -5.26 -0.83
C ILE A 5 0.02 -3.97 -0.22
N LYS A 6 -0.06 -3.97 1.10
CA LYS A 6 -0.57 -2.80 1.81
C LYS A 6 0.18 -1.56 1.35
N GLN A 7 1.42 -1.77 0.94
CA GLN A 7 2.25 -0.67 0.47
C GLN A 7 1.81 -0.25 -0.93
N HIS A 8 1.76 -1.22 -1.83
CA HIS A 8 1.36 -0.96 -3.20
C HIS A 8 -0.04 -0.35 -3.22
N THR A 9 -0.73 -0.49 -2.10
CA THR A 9 -2.08 0.04 -1.97
C THR A 9 -2.03 1.52 -1.58
N VAL A 10 -0.90 1.92 -1.04
CA VAL A 10 -0.72 3.30 -0.62
C VAL A 10 -0.50 4.18 -1.86
N THR A 11 -0.07 3.53 -2.93
CA THR A 11 0.19 4.24 -4.18
C THR A 11 -1.13 4.77 -4.76
N THR A 12 -2.12 3.90 -4.80
CA THR A 12 -3.42 4.27 -5.33
C THR A 12 -4.23 5.03 -4.29
N THR A 13 -4.21 4.50 -3.07
CA THR A 13 -4.93 5.12 -1.98
C THR A 13 -4.19 6.38 -1.49
N THR A 14 -3.02 6.60 -2.08
CA THR A 14 -2.21 7.75 -1.73
C THR A 14 -2.23 7.97 -0.21
N LYS A 15 -1.95 6.90 0.52
CA LYS A 15 -1.95 6.97 1.97
C LYS A 15 -0.92 8.00 2.43
N GLY A 16 0.34 7.73 2.10
CA GLY A 16 1.41 8.64 2.47
C GLY A 16 2.58 7.87 3.11
N VAL A 1 3.84 -12.52 3.49
CA VAL A 1 4.20 -11.30 2.78
C VAL A 1 2.93 -10.52 2.44
N ASN A 2 2.64 -9.54 3.27
CA ASN A 2 1.46 -8.71 3.06
C ASN A 2 1.82 -7.24 3.33
N ILE A 3 3.11 -6.98 3.36
CA ILE A 3 3.60 -5.63 3.60
C ILE A 3 3.63 -4.86 2.27
N THR A 4 4.12 -5.53 1.25
CA THR A 4 4.21 -4.92 -0.07
C THR A 4 2.82 -4.56 -0.58
N ILE A 5 1.90 -5.50 -0.41
CA ILE A 5 0.53 -5.29 -0.86
C ILE A 5 -0.02 -4.01 -0.21
N LYS A 6 -0.03 -4.02 1.12
CA LYS A 6 -0.53 -2.87 1.86
C LYS A 6 0.17 -1.61 1.37
N GLN A 7 1.40 -1.80 0.90
CA GLN A 7 2.19 -0.68 0.41
C GLN A 7 1.69 -0.25 -0.97
N HIS A 8 1.61 -1.22 -1.86
CA HIS A 8 1.14 -0.95 -3.23
C HIS A 8 -0.24 -0.29 -3.17
N THR A 9 -0.90 -0.46 -2.03
CA THR A 9 -2.22 0.11 -1.84
C THR A 9 -2.11 1.59 -1.43
N VAL A 10 -0.94 1.94 -0.93
CA VAL A 10 -0.69 3.32 -0.50
C VAL A 10 -0.50 4.20 -1.74
N THR A 11 0.01 3.59 -2.80
CA THR A 11 0.25 4.30 -4.04
C THR A 11 -1.08 4.75 -4.65
N THR A 12 -1.91 3.76 -4.96
CA THR A 12 -3.21 4.04 -5.55
C THR A 12 -4.00 5.03 -4.69
N THR A 13 -4.11 4.68 -3.41
CA THR A 13 -4.84 5.51 -2.46
C THR A 13 -3.96 6.68 -2.01
N THR A 14 -2.76 6.74 -2.58
CA THR A 14 -1.83 7.80 -2.25
C THR A 14 -1.86 8.09 -0.74
N LYS A 15 -1.75 7.02 0.03
CA LYS A 15 -1.77 7.15 1.48
C LYS A 15 -0.51 7.90 1.94
N GLY A 16 -0.73 9.13 2.39
CA GLY A 16 0.37 9.95 2.86
C GLY A 16 1.17 10.52 1.68
N VAL A 1 2.33 -11.07 4.96
CA VAL A 1 1.78 -11.36 3.65
C VAL A 1 0.91 -10.19 3.20
N ASN A 2 1.24 -9.01 3.71
CA ASN A 2 0.50 -7.81 3.35
C ASN A 2 1.41 -6.59 3.54
N ILE A 3 2.71 -6.82 3.39
CA ILE A 3 3.68 -5.75 3.53
C ILE A 3 3.73 -4.94 2.25
N THR A 4 4.15 -5.59 1.18
CA THR A 4 4.25 -4.93 -0.11
C THR A 4 2.87 -4.53 -0.62
N ILE A 5 1.91 -5.44 -0.41
CA ILE A 5 0.54 -5.19 -0.84
C ILE A 5 0.04 -3.89 -0.20
N LYS A 6 -0.17 -3.96 1.10
CA LYS A 6 -0.66 -2.80 1.83
C LYS A 6 0.11 -1.56 1.37
N GLN A 7 1.36 -1.77 0.97
CA GLN A 7 2.19 -0.68 0.51
C GLN A 7 1.78 -0.25 -0.90
N HIS A 8 1.68 -1.24 -1.78
CA HIS A 8 1.29 -0.97 -3.16
C HIS A 8 -0.11 -0.35 -3.17
N THR A 9 -0.80 -0.47 -2.05
CA THR A 9 -2.14 0.07 -1.93
C THR A 9 -2.08 1.55 -1.57
N VAL A 10 -0.94 1.95 -1.02
CA VAL A 10 -0.75 3.34 -0.62
C VAL A 10 -0.53 4.19 -1.88
N THR A 11 0.03 3.56 -2.90
CA THR A 11 0.31 4.26 -4.15
C THR A 11 -1.00 4.69 -4.81
N THR A 12 -1.98 3.81 -4.74
CA THR A 12 -3.28 4.09 -5.33
C THR A 12 -4.19 4.81 -4.32
N THR A 13 -4.07 4.39 -3.07
CA THR A 13 -4.86 4.98 -2.01
C THR A 13 -4.21 6.27 -1.51
N THR A 14 -3.05 6.57 -2.09
CA THR A 14 -2.32 7.77 -1.72
C THR A 14 -2.40 8.01 -0.20
N LYS A 15 -2.09 6.96 0.54
CA LYS A 15 -2.13 7.04 1.99
C LYS A 15 -1.03 7.99 2.48
N GLY A 16 0.19 7.67 2.09
CA GLY A 16 1.33 8.48 2.47
C GLY A 16 1.96 7.96 3.77
N VAL A 1 3.98 -11.36 2.01
CA VAL A 1 3.37 -10.93 0.76
C VAL A 1 2.17 -10.04 1.06
N ASN A 2 2.11 -9.57 2.29
CA ASN A 2 1.02 -8.72 2.72
C ASN A 2 1.58 -7.35 3.13
N ILE A 3 2.90 -7.26 3.13
CA ILE A 3 3.57 -6.02 3.49
C ILE A 3 3.65 -5.10 2.27
N THR A 4 4.13 -5.67 1.18
CA THR A 4 4.26 -4.92 -0.05
C THR A 4 2.88 -4.55 -0.61
N ILE A 5 1.91 -5.40 -0.29
CA ILE A 5 0.55 -5.17 -0.73
C ILE A 5 0.02 -3.88 -0.12
N LYS A 6 -0.08 -3.88 1.20
CA LYS A 6 -0.56 -2.71 1.90
C LYS A 6 0.18 -1.47 1.41
N GLN A 7 1.41 -1.68 0.98
CA GLN A 7 2.23 -0.59 0.49
C GLN A 7 1.78 -0.17 -0.91
N HIS A 8 1.69 -1.17 -1.79
CA HIS A 8 1.27 -0.92 -3.15
C HIS A 8 -0.13 -0.29 -3.15
N THR A 9 -0.80 -0.42 -2.02
CA THR A 9 -2.14 0.11 -1.87
C THR A 9 -2.08 1.60 -1.50
N VAL A 10 -0.93 2.00 -0.98
CA VAL A 10 -0.73 3.38 -0.59
C VAL A 10 -0.53 4.24 -1.84
N THR A 11 -0.04 3.60 -2.89
CA THR A 11 0.21 4.30 -4.14
C THR A 11 -1.12 4.68 -4.80
N THR A 12 -2.00 3.71 -4.90
CA THR A 12 -3.31 3.94 -5.50
C THR A 12 -4.14 4.87 -4.62
N THR A 13 -4.19 4.55 -3.34
CA THR A 13 -4.95 5.35 -2.39
C THR A 13 -4.17 6.62 -2.03
N THR A 14 -2.97 6.73 -2.59
CA THR A 14 -2.13 7.87 -2.33
C THR A 14 -2.11 8.20 -0.84
N LYS A 15 -1.87 7.16 -0.04
CA LYS A 15 -1.83 7.33 1.40
C LYS A 15 -0.55 8.06 1.80
N GLY A 16 -0.73 9.23 2.41
CA GLY A 16 0.39 10.04 2.83
C GLY A 16 0.40 10.20 4.36
N VAL A 1 4.33 -11.19 2.06
CA VAL A 1 3.69 -10.80 0.82
C VAL A 1 2.45 -9.97 1.13
N ASN A 2 2.37 -9.51 2.37
CA ASN A 2 1.25 -8.70 2.81
C ASN A 2 1.75 -7.31 3.19
N ILE A 3 3.06 -7.16 3.19
CA ILE A 3 3.67 -5.89 3.54
C ILE A 3 3.73 -5.00 2.30
N THR A 4 4.20 -5.59 1.20
CA THR A 4 4.31 -4.86 -0.04
C THR A 4 2.91 -4.54 -0.60
N ILE A 5 1.98 -5.41 -0.28
CA ILE A 5 0.61 -5.24 -0.73
C ILE A 5 0.03 -3.95 -0.13
N LYS A 6 -0.13 -3.97 1.18
CA LYS A 6 -0.66 -2.82 1.89
C LYS A 6 0.04 -1.55 1.41
N GLN A 7 1.29 -1.73 1.01
CA GLN A 7 2.08 -0.62 0.51
C GLN A 7 1.63 -0.22 -0.90
N HIS A 8 1.60 -1.22 -1.77
CA HIS A 8 1.19 -1.01 -3.15
C HIS A 8 -0.18 -0.35 -3.18
N THR A 9 -0.89 -0.47 -2.06
CA THR A 9 -2.21 0.11 -1.96
C THR A 9 -2.12 1.60 -1.59
N VAL A 10 -0.97 1.97 -1.04
CA VAL A 10 -0.73 3.34 -0.65
C VAL A 10 -0.47 4.19 -1.90
N THR A 11 0.02 3.52 -2.93
CA THR A 11 0.31 4.20 -4.19
C THR A 11 -0.97 4.74 -4.82
N THR A 12 -1.98 3.87 -4.85
CA THR A 12 -3.26 4.25 -5.43
C THR A 12 -4.12 4.98 -4.39
N THR A 13 -4.00 4.53 -3.16
CA THR A 13 -4.76 5.12 -2.06
C THR A 13 -4.07 6.39 -1.57
N THR A 14 -2.89 6.65 -2.13
CA THR A 14 -2.13 7.83 -1.76
C THR A 14 -2.23 8.09 -0.25
N LYS A 15 -1.94 7.03 0.51
CA LYS A 15 -2.01 7.14 1.96
C LYS A 15 -0.72 7.79 2.48
N GLY A 16 0.31 7.74 1.64
CA GLY A 16 1.59 8.33 1.99
C GLY A 16 2.21 9.06 0.80
N VAL A 1 -0.09 -12.28 4.18
CA VAL A 1 0.89 -11.22 3.94
C VAL A 1 0.17 -10.00 3.37
N ASN A 2 0.53 -8.84 3.89
CA ASN A 2 -0.06 -7.59 3.44
C ASN A 2 0.91 -6.44 3.72
N ILE A 3 2.19 -6.76 3.67
CA ILE A 3 3.22 -5.76 3.92
C ILE A 3 3.50 -4.99 2.63
N THR A 4 3.79 -5.74 1.57
CA THR A 4 4.08 -5.14 0.28
C THR A 4 2.79 -4.72 -0.41
N ILE A 5 1.76 -5.55 -0.25
CA ILE A 5 0.47 -5.27 -0.86
C ILE A 5 -0.04 -3.92 -0.36
N LYS A 6 0.04 -3.76 0.95
CA LYS A 6 -0.42 -2.52 1.57
C LYS A 6 0.47 -1.36 1.11
N GLN A 7 1.69 -1.71 0.73
CA GLN A 7 2.64 -0.72 0.26
C GLN A 7 2.26 -0.24 -1.15
N HIS A 8 2.15 -1.20 -2.06
CA HIS A 8 1.79 -0.89 -3.42
C HIS A 8 0.37 -0.32 -3.48
N THR A 9 -0.37 -0.58 -2.41
CA THR A 9 -1.74 -0.10 -2.32
C THR A 9 -1.77 1.34 -1.79
N VAL A 10 -0.69 1.72 -1.13
CA VAL A 10 -0.58 3.06 -0.57
C VAL A 10 -0.50 4.07 -1.71
N THR A 11 -0.30 3.54 -2.92
CA THR A 11 -0.20 4.39 -4.09
C THR A 11 -1.57 5.00 -4.43
N THR A 12 -2.51 4.12 -4.76
CA THR A 12 -3.84 4.55 -5.11
C THR A 12 -4.70 4.70 -3.84
N THR A 13 -4.11 5.33 -2.84
CA THR A 13 -4.80 5.55 -1.58
C THR A 13 -4.03 6.53 -0.70
N THR A 14 -2.72 6.37 -0.72
CA THR A 14 -1.85 7.23 0.07
C THR A 14 -2.27 7.22 1.54
N LYS A 15 -2.43 6.02 2.06
CA LYS A 15 -2.83 5.86 3.45
C LYS A 15 -1.76 6.47 4.36
N GLY A 16 -2.21 6.89 5.54
CA GLY A 16 -1.32 7.50 6.50
C GLY A 16 -1.98 8.69 7.20
N VAL A 1 3.44 -11.37 4.70
CA VAL A 1 3.41 -11.38 3.24
C VAL A 1 2.28 -10.47 2.76
N ASN A 2 2.05 -9.40 3.51
CA ASN A 2 1.01 -8.45 3.17
C ASN A 2 1.53 -7.03 3.38
N ILE A 3 2.86 -6.92 3.44
CA ILE A 3 3.49 -5.63 3.64
C ILE A 3 3.55 -4.89 2.30
N THR A 4 4.18 -5.54 1.33
CA THR A 4 4.32 -4.95 0.00
C THR A 4 2.94 -4.58 -0.56
N ILE A 5 1.99 -5.49 -0.36
CA ILE A 5 0.64 -5.27 -0.83
C ILE A 5 0.09 -3.98 -0.22
N LYS A 6 -0.16 -4.04 1.08
CA LYS A 6 -0.69 -2.89 1.80
C LYS A 6 0.04 -1.63 1.34
N GLN A 7 1.31 -1.81 0.97
CA GLN A 7 2.12 -0.70 0.51
C GLN A 7 1.73 -0.31 -0.90
N HIS A 8 1.71 -1.30 -1.78
CA HIS A 8 1.35 -1.07 -3.17
C HIS A 8 -0.01 -0.37 -3.24
N THR A 9 -0.76 -0.48 -2.15
CA THR A 9 -2.07 0.13 -2.09
C THR A 9 -1.94 1.61 -1.68
N VAL A 10 -0.81 1.93 -1.08
CA VAL A 10 -0.56 3.29 -0.65
C VAL A 10 -0.29 4.17 -1.88
N THR A 11 -0.10 3.50 -3.00
CA THR A 11 0.17 4.21 -4.25
C THR A 11 -1.13 4.81 -4.81
N THR A 12 -2.18 4.01 -4.77
CA THR A 12 -3.47 4.44 -5.26
C THR A 12 -4.35 4.91 -4.10
N THR A 13 -3.91 4.61 -2.90
CA THR A 13 -4.64 4.99 -1.71
C THR A 13 -3.97 6.17 -1.01
N THR A 14 -2.76 6.47 -1.48
CA THR A 14 -2.00 7.58 -0.92
C THR A 14 -2.25 7.68 0.59
N LYS A 15 -2.18 6.54 1.25
CA LYS A 15 -2.39 6.49 2.69
C LYS A 15 -1.62 7.63 3.36
N GLY A 16 -2.28 8.28 4.31
CA GLY A 16 -1.66 9.38 5.02
C GLY A 16 -2.50 10.66 4.88
N VAL A 1 1.03 -11.72 5.61
CA VAL A 1 1.61 -11.31 4.34
C VAL A 1 0.75 -10.22 3.71
N ASN A 2 1.14 -8.98 3.96
CA ASN A 2 0.41 -7.85 3.42
C ASN A 2 1.21 -6.57 3.67
N ILE A 3 2.53 -6.71 3.61
CA ILE A 3 3.42 -5.58 3.83
C ILE A 3 3.60 -4.83 2.51
N THR A 4 3.90 -5.59 1.46
CA THR A 4 4.10 -5.01 0.15
C THR A 4 2.76 -4.62 -0.48
N ILE A 5 1.83 -5.56 -0.44
CA ILE A 5 0.51 -5.34 -1.00
C ILE A 5 -0.07 -4.06 -0.40
N LYS A 6 -0.04 -3.99 0.92
CA LYS A 6 -0.56 -2.83 1.63
C LYS A 6 0.21 -1.59 1.19
N GLN A 7 1.45 -1.80 0.79
CA GLN A 7 2.30 -0.71 0.35
C GLN A 7 1.89 -0.25 -1.05
N HIS A 8 1.89 -1.19 -1.98
CA HIS A 8 1.50 -0.90 -3.35
C HIS A 8 0.14 -0.21 -3.37
N THR A 9 -0.60 -0.39 -2.29
CA THR A 9 -1.92 0.19 -2.17
C THR A 9 -1.81 1.64 -1.69
N VAL A 10 -0.68 1.94 -1.06
CA VAL A 10 -0.44 3.28 -0.54
C VAL A 10 -0.25 4.25 -1.72
N THR A 11 -0.12 3.67 -2.90
CA THR A 11 0.07 4.46 -4.11
C THR A 11 -1.26 4.65 -4.83
N THR A 12 -2.24 3.88 -4.42
CA THR A 12 -3.56 3.95 -5.02
C THR A 12 -4.58 4.46 -4.00
N THR A 13 -4.30 4.17 -2.74
CA THR A 13 -5.18 4.59 -1.67
C THR A 13 -4.60 5.81 -0.94
N THR A 14 -3.38 6.14 -1.32
CA THR A 14 -2.69 7.28 -0.72
C THR A 14 -2.98 7.33 0.79
N LYS A 15 -2.65 6.24 1.46
CA LYS A 15 -2.86 6.15 2.90
C LYS A 15 -2.39 7.45 3.56
N GLY A 16 -1.44 8.09 2.90
CA GLY A 16 -0.88 9.34 3.42
C GLY A 16 -0.42 10.24 2.27
N VAL A 1 3.02 -11.53 4.66
CA VAL A 1 2.77 -11.73 3.24
C VAL A 1 1.74 -10.71 2.77
N ASN A 2 1.77 -9.54 3.40
CA ASN A 2 0.85 -8.47 3.04
C ASN A 2 1.48 -7.13 3.40
N ILE A 3 2.80 -7.09 3.34
CA ILE A 3 3.53 -5.87 3.65
C ILE A 3 3.59 -4.98 2.40
N THR A 4 4.06 -5.57 1.32
CA THR A 4 4.18 -4.86 0.05
C THR A 4 2.79 -4.49 -0.48
N ILE A 5 1.89 -5.44 -0.40
CA ILE A 5 0.53 -5.23 -0.86
C ILE A 5 -0.02 -3.95 -0.25
N LYS A 6 -0.02 -3.91 1.08
CA LYS A 6 -0.52 -2.75 1.80
C LYS A 6 0.21 -1.50 1.30
N GLN A 7 1.44 -1.71 0.84
CA GLN A 7 2.25 -0.62 0.34
C GLN A 7 1.76 -0.19 -1.04
N HIS A 8 1.68 -1.16 -1.93
CA HIS A 8 1.24 -0.90 -3.30
C HIS A 8 -0.15 -0.26 -3.27
N THR A 9 -0.82 -0.41 -2.13
CA THR A 9 -2.14 0.14 -1.96
C THR A 9 -2.05 1.61 -1.54
N VAL A 10 -0.90 1.97 -1.00
CA VAL A 10 -0.67 3.34 -0.56
C VAL A 10 -0.46 4.24 -1.78
N THR A 11 0.03 3.63 -2.85
CA THR A 11 0.29 4.35 -4.07
C THR A 11 -1.03 4.63 -4.82
N THR A 12 -1.98 3.72 -4.63
CA THR A 12 -3.28 3.86 -5.26
C THR A 12 -4.25 4.60 -4.34
N THR A 13 -3.91 4.61 -3.06
CA THR A 13 -4.74 5.28 -2.06
C THR A 13 -4.06 6.56 -1.59
N THR A 14 -2.99 6.92 -2.27
CA THR A 14 -2.24 8.11 -1.92
C THR A 14 -2.18 8.28 -0.40
N LYS A 15 -1.82 7.21 0.27
CA LYS A 15 -1.72 7.23 1.72
C LYS A 15 -0.39 7.84 2.14
N GLY A 16 -0.47 9.08 2.61
CA GLY A 16 0.72 9.79 3.04
C GLY A 16 0.39 10.77 4.17
N VAL A 1 2.73 -12.63 3.14
CA VAL A 1 3.13 -11.24 3.31
C VAL A 1 2.00 -10.33 2.86
N ASN A 2 1.73 -9.31 3.66
CA ASN A 2 0.67 -8.37 3.35
C ASN A 2 1.21 -6.94 3.52
N ILE A 3 2.52 -6.84 3.60
CA ILE A 3 3.17 -5.55 3.77
C ILE A 3 3.32 -4.88 2.40
N THR A 4 3.97 -5.58 1.49
CA THR A 4 4.19 -5.08 0.15
C THR A 4 2.85 -4.73 -0.51
N ILE A 5 1.87 -5.59 -0.27
CA ILE A 5 0.54 -5.38 -0.83
C ILE A 5 -0.04 -4.08 -0.28
N LYS A 6 0.07 -3.93 1.02
CA LYS A 6 -0.44 -2.73 1.69
C LYS A 6 0.36 -1.51 1.22
N GLN A 7 1.59 -1.78 0.80
CA GLN A 7 2.46 -0.72 0.33
C GLN A 7 2.03 -0.26 -1.07
N HIS A 8 1.99 -1.21 -1.99
CA HIS A 8 1.59 -0.90 -3.35
C HIS A 8 0.18 -0.32 -3.37
N THR A 9 -0.51 -0.52 -2.26
CA THR A 9 -1.87 -0.02 -2.12
C THR A 9 -1.86 1.44 -1.66
N VAL A 10 -0.74 1.83 -1.07
CA VAL A 10 -0.60 3.19 -0.58
C VAL A 10 -0.44 4.14 -1.77
N THR A 11 -0.22 3.55 -2.94
CA THR A 11 -0.05 4.33 -4.15
C THR A 11 -1.37 4.94 -4.58
N THR A 12 -2.35 4.07 -4.82
CA THR A 12 -3.67 4.52 -5.23
C THR A 12 -4.55 4.79 -4.02
N THR A 13 -3.97 5.49 -3.05
CA THR A 13 -4.68 5.83 -1.83
C THR A 13 -3.88 6.84 -1.00
N THR A 14 -2.56 6.62 -0.97
CA THR A 14 -1.68 7.49 -0.22
C THR A 14 -2.13 7.57 1.24
N LYS A 15 -2.35 6.41 1.83
CA LYS A 15 -2.78 6.34 3.21
C LYS A 15 -1.70 6.95 4.11
N GLY A 16 -1.73 8.28 4.20
CA GLY A 16 -0.77 9.00 5.01
C GLY A 16 -0.99 8.71 6.50
N VAL A 1 4.31 -10.79 4.26
CA VAL A 1 3.79 -11.28 2.99
C VAL A 1 2.57 -10.44 2.59
N ASN A 2 2.30 -9.42 3.41
CA ASN A 2 1.18 -8.53 3.15
C ASN A 2 1.62 -7.08 3.35
N ILE A 3 2.94 -6.90 3.38
CA ILE A 3 3.50 -5.57 3.56
C ILE A 3 3.55 -4.85 2.21
N THR A 4 4.17 -5.50 1.25
CA THR A 4 4.29 -4.94 -0.08
C THR A 4 2.92 -4.61 -0.65
N ILE A 5 1.95 -5.47 -0.33
CA ILE A 5 0.59 -5.29 -0.81
C ILE A 5 0.02 -4.01 -0.20
N LYS A 6 -0.09 -4.01 1.12
CA LYS A 6 -0.61 -2.86 1.84
C LYS A 6 0.11 -1.60 1.36
N GLN A 7 1.35 -1.78 0.95
CA GLN A 7 2.15 -0.67 0.47
C GLN A 7 1.71 -0.26 -0.93
N HIS A 8 1.66 -1.24 -1.82
CA HIS A 8 1.25 -1.00 -3.19
C HIS A 8 -0.12 -0.34 -3.21
N THR A 9 -0.83 -0.49 -2.09
CA THR A 9 -2.16 0.09 -1.96
C THR A 9 -2.08 1.56 -1.58
N VAL A 10 -0.92 1.93 -1.02
CA VAL A 10 -0.70 3.30 -0.61
C VAL A 10 -0.46 4.17 -1.84
N THR A 11 0.01 3.53 -2.90
CA THR A 11 0.29 4.23 -4.14
C THR A 11 -1.01 4.74 -4.76
N THR A 12 -2.01 3.87 -4.79
CA THR A 12 -3.30 4.24 -5.34
C THR A 12 -4.17 4.91 -4.29
N THR A 13 -4.02 4.44 -3.06
CA THR A 13 -4.78 4.98 -1.94
C THR A 13 -4.13 6.26 -1.42
N THR A 14 -2.94 6.56 -1.96
CA THR A 14 -2.21 7.74 -1.56
C THR A 14 -2.36 7.97 -0.05
N LYS A 15 -2.12 6.91 0.71
CA LYS A 15 -2.22 6.99 2.15
C LYS A 15 -1.16 7.96 2.69
N GLY A 16 -0.02 7.96 2.01
CA GLY A 16 1.08 8.84 2.41
C GLY A 16 2.40 8.07 2.43
N VAL A 1 2.39 -12.31 5.40
CA VAL A 1 2.96 -11.70 4.22
C VAL A 1 1.94 -10.74 3.60
N ASN A 2 2.16 -9.46 3.84
CA ASN A 2 1.27 -8.44 3.32
C ASN A 2 1.85 -7.05 3.64
N ILE A 3 3.16 -6.96 3.55
CA ILE A 3 3.85 -5.70 3.82
C ILE A 3 3.85 -4.85 2.56
N THR A 4 4.39 -5.41 1.49
CA THR A 4 4.47 -4.72 0.23
C THR A 4 3.07 -4.47 -0.33
N ILE A 5 2.24 -5.50 -0.24
CA ILE A 5 0.87 -5.40 -0.73
C ILE A 5 0.22 -4.15 -0.17
N LYS A 6 -0.07 -4.19 1.13
CA LYS A 6 -0.68 -3.06 1.79
C LYS A 6 -0.06 -1.76 1.29
N GLN A 7 1.21 -1.85 0.95
CA GLN A 7 1.94 -0.70 0.45
C GLN A 7 1.53 -0.39 -1.00
N HIS A 8 1.57 -1.43 -1.83
CA HIS A 8 1.21 -1.28 -3.23
C HIS A 8 -0.19 -0.65 -3.33
N THR A 9 -0.94 -0.79 -2.25
CA THR A 9 -2.29 -0.26 -2.20
C THR A 9 -2.25 1.25 -1.87
N VAL A 10 -1.16 1.65 -1.26
CA VAL A 10 -0.98 3.05 -0.88
C VAL A 10 -0.65 3.86 -2.13
N THR A 11 -0.39 3.15 -3.22
CA THR A 11 -0.06 3.79 -4.47
C THR A 11 -1.03 4.94 -4.76
N THR A 12 -2.31 4.61 -4.73
CA THR A 12 -3.34 5.59 -4.98
C THR A 12 -3.18 6.80 -4.05
N THR A 13 -2.44 6.56 -2.98
CA THR A 13 -2.19 7.63 -2.01
C THR A 13 -0.79 8.21 -2.19
N THR A 14 0.20 7.41 -1.82
CA THR A 14 1.59 7.83 -1.95
C THR A 14 2.52 6.77 -1.36
N LYS A 15 2.43 5.57 -1.92
CA LYS A 15 3.26 4.47 -1.47
C LYS A 15 4.72 4.75 -1.85
N GLY A 16 4.89 5.40 -2.99
CA GLY A 16 6.22 5.72 -3.48
C GLY A 16 6.20 7.04 -4.26
N VAL A 1 2.97 -10.93 5.14
CA VAL A 1 2.04 -11.65 4.28
C VAL A 1 1.11 -10.64 3.59
N ASN A 2 1.39 -9.37 3.83
CA ASN A 2 0.59 -8.31 3.24
C ASN A 2 1.24 -6.96 3.56
N ILE A 3 2.56 -6.96 3.56
CA ILE A 3 3.31 -5.76 3.85
C ILE A 3 3.48 -4.95 2.55
N THR A 4 3.94 -5.65 1.52
CA THR A 4 4.16 -5.01 0.23
C THR A 4 2.81 -4.66 -0.41
N ILE A 5 1.87 -5.58 -0.28
CA ILE A 5 0.55 -5.37 -0.85
C ILE A 5 -0.05 -4.08 -0.30
N LYS A 6 0.07 -3.92 1.02
CA LYS A 6 -0.45 -2.74 1.68
C LYS A 6 0.35 -1.51 1.21
N GLN A 7 1.57 -1.76 0.79
CA GLN A 7 2.44 -0.70 0.31
C GLN A 7 2.00 -0.25 -1.08
N HIS A 8 1.97 -1.20 -2.01
CA HIS A 8 1.58 -0.92 -3.37
C HIS A 8 0.17 -0.33 -3.39
N THR A 9 -0.53 -0.51 -2.28
CA THR A 9 -1.88 0.00 -2.14
C THR A 9 -1.87 1.46 -1.68
N VAL A 10 -0.75 1.84 -1.09
CA VAL A 10 -0.59 3.20 -0.60
C VAL A 10 -0.43 4.15 -1.79
N THR A 11 -0.23 3.55 -2.96
CA THR A 11 -0.06 4.34 -4.18
C THR A 11 -1.39 4.97 -4.59
N THR A 12 -2.37 4.11 -4.84
CA THR A 12 -3.68 4.56 -5.25
C THR A 12 -4.55 4.85 -4.02
N THR A 13 -3.96 5.53 -3.06
CA THR A 13 -4.66 5.87 -1.84
C THR A 13 -3.84 6.87 -1.01
N THR A 14 -2.54 6.64 -0.98
CA THR A 14 -1.65 7.50 -0.23
C THR A 14 -2.08 7.59 1.23
N LYS A 15 -2.32 6.43 1.81
CA LYS A 15 -2.74 6.36 3.20
C LYS A 15 -1.67 7.00 4.09
N GLY A 16 -1.94 8.24 4.48
CA GLY A 16 -1.01 8.97 5.33
C GLY A 16 -1.07 8.47 6.76
N VAL A 1 2.70 -10.72 5.29
CA VAL A 1 1.66 -11.39 4.52
C VAL A 1 0.80 -10.33 3.83
N ASN A 2 1.19 -9.08 4.00
CA ASN A 2 0.46 -7.97 3.40
C ASN A 2 1.24 -6.67 3.64
N ILE A 3 2.56 -6.79 3.59
CA ILE A 3 3.41 -5.64 3.80
C ILE A 3 3.59 -4.89 2.47
N THR A 4 3.98 -5.64 1.45
CA THR A 4 4.17 -5.06 0.13
C THR A 4 2.83 -4.67 -0.49
N ILE A 5 1.87 -5.58 -0.36
CA ILE A 5 0.54 -5.34 -0.91
C ILE A 5 -0.02 -4.04 -0.31
N LYS A 6 0.00 -3.97 1.02
CA LYS A 6 -0.49 -2.80 1.71
C LYS A 6 0.30 -1.57 1.26
N GLN A 7 1.53 -1.81 0.84
CA GLN A 7 2.39 -0.74 0.39
C GLN A 7 1.96 -0.28 -1.00
N HIS A 8 1.92 -1.22 -1.93
CA HIS A 8 1.52 -0.93 -3.30
C HIS A 8 0.12 -0.33 -3.31
N THR A 9 -0.58 -0.51 -2.20
CA THR A 9 -1.93 0.00 -2.07
C THR A 9 -1.91 1.47 -1.64
N VAL A 10 -0.79 1.86 -1.06
CA VAL A 10 -0.62 3.24 -0.60
C VAL A 10 -0.43 4.15 -1.80
N THR A 11 -0.20 3.53 -2.96
CA THR A 11 0.00 4.28 -4.18
C THR A 11 -1.31 4.93 -4.63
N THR A 12 -2.30 4.09 -4.88
CA THR A 12 -3.60 4.56 -5.31
C THR A 12 -4.49 4.87 -4.10
N THR A 13 -3.91 5.57 -3.14
CA THR A 13 -4.64 5.93 -1.94
C THR A 13 -3.83 6.91 -1.10
N THR A 14 -2.53 6.67 -1.06
CA THR A 14 -1.63 7.53 -0.30
C THR A 14 -2.03 7.56 1.18
N LYS A 15 -2.19 6.36 1.73
CA LYS A 15 -2.58 6.24 3.12
C LYS A 15 -1.83 7.28 3.96
N GLY A 16 -0.61 7.56 3.53
CA GLY A 16 0.22 8.53 4.22
C GLY A 16 1.41 8.96 3.35
N VAL A 1 0.55 -12.02 4.46
CA VAL A 1 1.40 -11.14 3.65
C VAL A 1 0.58 -9.93 3.21
N ASN A 2 0.87 -8.79 3.84
CA ASN A 2 0.17 -7.57 3.52
C ASN A 2 1.11 -6.38 3.74
N ILE A 3 2.40 -6.67 3.72
CA ILE A 3 3.41 -5.65 3.92
C ILE A 3 3.62 -4.89 2.61
N THR A 4 3.90 -5.64 1.56
CA THR A 4 4.13 -5.05 0.25
C THR A 4 2.80 -4.72 -0.43
N ILE A 5 1.85 -5.63 -0.26
CA ILE A 5 0.54 -5.46 -0.85
C ILE A 5 -0.08 -4.16 -0.32
N LYS A 6 0.06 -3.96 0.98
CA LYS A 6 -0.46 -2.77 1.63
C LYS A 6 0.33 -1.55 1.16
N GLN A 7 1.56 -1.80 0.75
CA GLN A 7 2.43 -0.74 0.29
C GLN A 7 2.01 -0.28 -1.12
N HIS A 8 2.02 -1.24 -2.04
CA HIS A 8 1.65 -0.95 -3.41
C HIS A 8 0.24 -0.35 -3.45
N THR A 9 -0.48 -0.56 -2.36
CA THR A 9 -1.85 -0.04 -2.25
C THR A 9 -1.83 1.40 -1.75
N VAL A 10 -0.72 1.76 -1.13
CA VAL A 10 -0.57 3.11 -0.60
C VAL A 10 -0.43 4.09 -1.76
N THR A 11 -0.26 3.53 -2.95
CA THR A 11 -0.12 4.35 -4.14
C THR A 11 -1.44 5.05 -4.47
N THR A 12 -2.43 4.25 -4.85
CA THR A 12 -3.73 4.79 -5.19
C THR A 12 -4.59 4.94 -3.94
N THR A 13 -3.99 5.54 -2.92
CA THR A 13 -4.69 5.75 -1.66
C THR A 13 -3.87 6.65 -0.74
N THR A 14 -2.55 6.44 -0.77
CA THR A 14 -1.65 7.22 0.05
C THR A 14 -2.17 7.30 1.50
N LYS A 15 -2.54 6.14 2.02
CA LYS A 15 -3.04 6.07 3.38
C LYS A 15 -2.04 6.70 4.34
N GLY A 16 -2.57 7.47 5.28
CA GLY A 16 -1.73 8.14 6.26
C GLY A 16 -2.34 9.47 6.69
N VAL A 1 2.52 -12.77 2.87
CA VAL A 1 2.94 -11.41 3.15
C VAL A 1 1.82 -10.45 2.73
N ASN A 2 1.63 -9.42 3.55
CA ASN A 2 0.60 -8.43 3.28
C ASN A 2 1.18 -7.03 3.53
N ILE A 3 2.50 -6.97 3.57
CA ILE A 3 3.19 -5.70 3.80
C ILE A 3 3.32 -4.96 2.47
N THR A 4 3.99 -5.61 1.53
CA THR A 4 4.20 -5.01 0.21
C THR A 4 2.86 -4.69 -0.43
N ILE A 5 1.89 -5.58 -0.22
CA ILE A 5 0.57 -5.40 -0.79
C ILE A 5 -0.04 -4.09 -0.26
N LYS A 6 0.11 -3.91 1.05
CA LYS A 6 -0.42 -2.72 1.70
C LYS A 6 0.37 -1.50 1.22
N GLN A 7 1.60 -1.75 0.78
CA GLN A 7 2.46 -0.69 0.31
C GLN A 7 2.02 -0.25 -1.09
N HIS A 8 2.00 -1.21 -2.00
CA HIS A 8 1.60 -0.93 -3.37
C HIS A 8 0.20 -0.34 -3.40
N THR A 9 -0.51 -0.54 -2.28
CA THR A 9 -1.86 -0.03 -2.16
C THR A 9 -1.85 1.43 -1.69
N VAL A 10 -0.73 1.81 -1.10
CA VAL A 10 -0.57 3.17 -0.61
C VAL A 10 -0.43 4.13 -1.79
N THR A 11 -0.25 3.54 -2.97
CA THR A 11 -0.10 4.32 -4.18
C THR A 11 -1.42 4.99 -4.56
N THR A 12 -2.40 4.15 -4.85
CA THR A 12 -3.71 4.63 -5.23
C THR A 12 -4.57 4.87 -3.99
N THR A 13 -3.97 5.54 -3.01
CA THR A 13 -4.66 5.84 -1.78
C THR A 13 -3.85 6.81 -0.92
N THR A 14 -2.54 6.60 -0.93
CA THR A 14 -1.64 7.45 -0.17
C THR A 14 -2.02 7.44 1.31
N LYS A 15 -2.21 6.23 1.83
CA LYS A 15 -2.56 6.07 3.23
C LYS A 15 -1.78 7.07 4.08
N GLY A 16 -2.43 7.56 5.12
CA GLY A 16 -1.80 8.52 6.02
C GLY A 16 -2.67 8.76 7.25
N VAL A 1 4.00 -10.61 5.01
CA VAL A 1 3.61 -11.19 3.74
C VAL A 1 2.45 -10.40 3.16
N ASN A 2 2.08 -9.34 3.85
CA ASN A 2 0.98 -8.50 3.41
C ASN A 2 1.37 -7.03 3.58
N ILE A 3 2.67 -6.81 3.72
CA ILE A 3 3.19 -5.46 3.89
C ILE A 3 3.32 -4.81 2.52
N THR A 4 3.94 -5.54 1.61
CA THR A 4 4.14 -5.04 0.25
C THR A 4 2.80 -4.70 -0.40
N ILE A 5 1.87 -5.64 -0.28
CA ILE A 5 0.54 -5.47 -0.85
C ILE A 5 -0.07 -4.17 -0.31
N LYS A 6 0.10 -3.97 0.99
CA LYS A 6 -0.42 -2.77 1.63
C LYS A 6 0.36 -1.56 1.16
N GLN A 7 1.59 -1.80 0.73
CA GLN A 7 2.44 -0.73 0.25
C GLN A 7 2.00 -0.29 -1.15
N HIS A 8 2.01 -1.24 -2.07
CA HIS A 8 1.61 -0.96 -3.44
C HIS A 8 0.20 -0.35 -3.45
N THR A 9 -0.51 -0.58 -2.35
CA THR A 9 -1.87 -0.06 -2.22
C THR A 9 -1.84 1.38 -1.73
N VAL A 10 -0.73 1.74 -1.11
CA VAL A 10 -0.56 3.09 -0.58
C VAL A 10 -0.41 4.08 -1.74
N THR A 11 -0.24 3.52 -2.93
CA THR A 11 -0.09 4.33 -4.12
C THR A 11 -1.40 5.04 -4.47
N THR A 12 -2.40 4.23 -4.82
CA THR A 12 -3.69 4.75 -5.18
C THR A 12 -4.55 4.95 -3.92
N THR A 13 -3.93 5.56 -2.92
CA THR A 13 -4.62 5.83 -1.66
C THR A 13 -3.79 6.75 -0.78
N THR A 14 -2.49 6.53 -0.79
CA THR A 14 -1.58 7.35 -0.01
C THR A 14 -1.96 7.29 1.47
N LYS A 15 -2.16 6.08 1.96
CA LYS A 15 -2.53 5.88 3.35
C LYS A 15 -1.74 6.85 4.23
N GLY A 16 -0.53 7.16 3.78
CA GLY A 16 0.33 8.06 4.51
C GLY A 16 1.60 8.38 3.71
N VAL A 1 3.45 -11.06 4.24
CA VAL A 1 2.92 -11.45 2.96
C VAL A 1 1.78 -10.50 2.57
N ASN A 2 1.58 -9.49 3.40
CA ASN A 2 0.54 -8.51 3.16
C ASN A 2 1.09 -7.11 3.44
N ILE A 3 2.41 -7.04 3.51
CA ILE A 3 3.07 -5.77 3.77
C ILE A 3 3.23 -4.99 2.46
N THR A 4 3.95 -5.61 1.54
CA THR A 4 4.19 -5.00 0.23
C THR A 4 2.86 -4.68 -0.45
N ILE A 5 1.87 -5.54 -0.19
CA ILE A 5 0.56 -5.35 -0.78
C ILE A 5 -0.05 -4.05 -0.26
N LYS A 6 0.07 -3.86 1.04
CA LYS A 6 -0.46 -2.65 1.67
C LYS A 6 0.33 -1.43 1.19
N GLN A 7 1.57 -1.70 0.79
CA GLN A 7 2.43 -0.65 0.31
C GLN A 7 2.03 -0.22 -1.10
N HIS A 8 2.04 -1.19 -2.00
CA HIS A 8 1.69 -0.93 -3.39
C HIS A 8 0.29 -0.30 -3.44
N THR A 9 -0.44 -0.48 -2.36
CA THR A 9 -1.79 0.07 -2.27
C THR A 9 -1.74 1.53 -1.80
N VAL A 10 -0.65 1.86 -1.13
CA VAL A 10 -0.47 3.21 -0.63
C VAL A 10 -0.37 4.19 -1.80
N THR A 11 -0.20 3.62 -2.98
CA THR A 11 -0.09 4.42 -4.20
C THR A 11 -1.47 4.92 -4.64
N THR A 12 -2.43 4.00 -4.63
CA THR A 12 -3.78 4.32 -5.03
C THR A 12 -4.67 4.51 -3.79
N THR A 13 -4.07 4.27 -2.63
CA THR A 13 -4.79 4.41 -1.39
C THR A 13 -4.24 5.59 -0.57
N THR A 14 -3.01 5.97 -0.91
CA THR A 14 -2.36 7.08 -0.23
C THR A 14 -2.69 7.05 1.27
N LYS A 15 -2.56 5.86 1.84
CA LYS A 15 -2.85 5.69 3.26
C LYS A 15 -1.74 6.37 4.09
N GLY A 16 -0.63 6.63 3.42
CA GLY A 16 0.50 7.27 4.06
C GLY A 16 1.70 7.37 3.11
N VAL A 1 2.26 -12.19 3.73
CA VAL A 1 0.92 -12.19 3.16
C VAL A 1 0.32 -10.78 3.26
N ASN A 2 1.13 -9.87 3.76
CA ASN A 2 0.69 -8.49 3.92
C ASN A 2 1.87 -7.64 4.41
N ILE A 3 2.59 -7.08 3.45
CA ILE A 3 3.74 -6.26 3.76
C ILE A 3 3.99 -5.29 2.60
N THR A 4 3.95 -5.82 1.40
CA THR A 4 4.16 -5.02 0.21
C THR A 4 2.84 -4.74 -0.50
N ILE A 5 1.82 -5.48 -0.10
CA ILE A 5 0.50 -5.32 -0.67
C ILE A 5 -0.12 -4.01 -0.18
N LYS A 6 -0.05 -3.82 1.12
CA LYS A 6 -0.60 -2.61 1.73
C LYS A 6 0.21 -1.40 1.27
N GLN A 7 1.45 -1.67 0.90
CA GLN A 7 2.34 -0.62 0.44
C GLN A 7 1.97 -0.19 -0.99
N HIS A 8 1.97 -1.16 -1.89
CA HIS A 8 1.63 -0.91 -3.27
C HIS A 8 0.22 -0.32 -3.36
N THR A 9 -0.53 -0.50 -2.27
CA THR A 9 -1.89 0.00 -2.21
C THR A 9 -1.90 1.47 -1.77
N VAL A 10 -0.81 1.87 -1.13
CA VAL A 10 -0.69 3.24 -0.65
C VAL A 10 -0.50 4.17 -1.84
N THR A 11 -0.27 3.57 -3.00
CA THR A 11 -0.07 4.34 -4.22
C THR A 11 -1.38 5.01 -4.64
N THR A 12 -2.36 4.17 -4.99
CA THR A 12 -3.65 4.67 -5.41
C THR A 12 -4.57 4.87 -4.20
N THR A 13 -4.02 5.55 -3.19
CA THR A 13 -4.77 5.81 -1.97
C THR A 13 -3.99 6.76 -1.06
N THR A 14 -2.68 6.55 -1.03
CA THR A 14 -1.81 7.36 -0.20
C THR A 14 -2.38 7.50 1.21
N LYS A 15 -2.76 6.36 1.77
CA LYS A 15 -3.32 6.33 3.10
C LYS A 15 -2.36 7.01 4.08
N GLY A 16 -2.57 8.30 4.25
CA GLY A 16 -1.72 9.09 5.14
C GLY A 16 -2.17 10.54 5.19
N VAL A 1 2.00 -12.52 4.00
CA VAL A 1 1.05 -12.32 2.92
C VAL A 1 0.41 -10.94 3.07
N ASN A 2 1.20 -10.01 3.62
CA ASN A 2 0.72 -8.66 3.81
C ASN A 2 1.86 -7.79 4.34
N ILE A 3 2.58 -7.19 3.42
CA ILE A 3 3.71 -6.33 3.77
C ILE A 3 3.95 -5.31 2.66
N THR A 4 3.92 -5.81 1.43
CA THR A 4 4.14 -4.96 0.27
C THR A 4 2.81 -4.69 -0.43
N ILE A 5 1.81 -5.47 -0.07
CA ILE A 5 0.49 -5.32 -0.66
C ILE A 5 -0.13 -4.00 -0.20
N LYS A 6 -0.05 -3.79 1.12
CA LYS A 6 -0.60 -2.58 1.71
C LYS A 6 0.20 -1.37 1.23
N GLN A 7 1.46 -1.65 0.87
CA GLN A 7 2.34 -0.59 0.40
C GLN A 7 1.97 -0.18 -1.03
N HIS A 8 1.98 -1.16 -1.91
CA HIS A 8 1.66 -0.92 -3.31
C HIS A 8 0.26 -0.30 -3.40
N THR A 9 -0.51 -0.48 -2.33
CA THR A 9 -1.86 0.05 -2.28
C THR A 9 -1.85 1.51 -1.81
N VAL A 10 -0.75 1.87 -1.16
CA VAL A 10 -0.60 3.23 -0.64
C VAL A 10 -0.45 4.19 -1.83
N THR A 11 -0.25 3.61 -3.00
CA THR A 11 -0.08 4.40 -4.21
C THR A 11 -1.43 5.00 -4.64
N THR A 12 -2.38 4.12 -4.89
CA THR A 12 -3.70 4.55 -5.32
C THR A 12 -4.62 4.73 -4.10
N THR A 13 -4.09 5.43 -3.11
CA THR A 13 -4.84 5.68 -1.89
C THR A 13 -4.07 6.63 -0.98
N THR A 14 -2.77 6.45 -0.96
CA THR A 14 -1.91 7.28 -0.13
C THR A 14 -2.48 7.40 1.28
N LYS A 15 -2.72 6.24 1.89
CA LYS A 15 -3.27 6.21 3.24
C LYS A 15 -2.30 6.88 4.20
N GLY A 16 -2.86 7.61 5.15
CA GLY A 16 -2.05 8.30 6.14
C GLY A 16 -1.94 7.49 7.43
N VAL A 1 3.38 -10.64 5.09
CA VAL A 1 2.87 -11.24 3.88
C VAL A 1 1.77 -10.35 3.29
N ASN A 2 1.63 -9.18 3.90
CA ASN A 2 0.62 -8.23 3.45
C ASN A 2 1.18 -6.80 3.59
N ILE A 3 2.50 -6.72 3.67
CA ILE A 3 3.17 -5.44 3.81
C ILE A 3 3.34 -4.81 2.42
N THR A 4 3.94 -5.59 1.53
CA THR A 4 4.17 -5.11 0.16
C THR A 4 2.84 -4.76 -0.50
N ILE A 5 1.85 -5.61 -0.27
CA ILE A 5 0.54 -5.41 -0.84
C ILE A 5 -0.05 -4.09 -0.30
N LYS A 6 0.07 -3.93 1.00
CA LYS A 6 -0.45 -2.73 1.65
C LYS A 6 0.36 -1.52 1.20
N GLN A 7 1.59 -1.79 0.78
CA GLN A 7 2.47 -0.74 0.31
C GLN A 7 2.05 -0.28 -1.09
N HIS A 8 2.02 -1.24 -2.01
CA HIS A 8 1.64 -0.94 -3.38
C HIS A 8 0.23 -0.35 -3.40
N THR A 9 -0.49 -0.56 -2.30
CA THR A 9 -1.84 -0.06 -2.19
C THR A 9 -1.83 1.40 -1.70
N VAL A 10 -0.73 1.77 -1.09
CA VAL A 10 -0.58 3.13 -0.57
C VAL A 10 -0.44 4.10 -1.74
N THR A 11 -0.24 3.52 -2.93
CA THR A 11 -0.09 4.33 -4.13
C THR A 11 -1.42 4.99 -4.51
N THR A 12 -2.39 4.15 -4.83
CA THR A 12 -3.70 4.64 -5.20
C THR A 12 -4.57 4.85 -3.96
N THR A 13 -3.98 5.50 -2.97
CA THR A 13 -4.68 5.77 -1.72
C THR A 13 -3.87 6.72 -0.84
N THR A 14 -2.57 6.51 -0.84
CA THR A 14 -1.67 7.34 -0.05
C THR A 14 -2.15 7.41 1.40
N LYS A 15 -2.36 6.24 1.97
CA LYS A 15 -2.82 6.15 3.35
C LYS A 15 -1.77 6.78 4.28
N GLY A 16 -2.00 8.06 4.57
CA GLY A 16 -1.09 8.79 5.44
C GLY A 16 -1.20 8.29 6.89
N VAL A 1 2.62 -11.13 3.50
CA VAL A 1 1.93 -11.10 2.23
C VAL A 1 1.01 -9.88 2.19
N ASN A 2 1.08 -9.08 3.25
CA ASN A 2 0.27 -7.89 3.34
C ASN A 2 1.16 -6.69 3.67
N ILE A 3 2.46 -6.92 3.56
CA ILE A 3 3.43 -5.87 3.84
C ILE A 3 3.63 -5.02 2.59
N THR A 4 3.95 -5.70 1.50
CA THR A 4 4.17 -5.02 0.22
C THR A 4 2.83 -4.69 -0.44
N ILE A 5 1.86 -5.57 -0.22
CA ILE A 5 0.54 -5.38 -0.79
C ILE A 5 -0.07 -4.08 -0.27
N LYS A 6 0.05 -3.90 1.04
CA LYS A 6 -0.47 -2.71 1.69
C LYS A 6 0.32 -1.49 1.22
N GLN A 7 1.56 -1.75 0.80
CA GLN A 7 2.43 -0.69 0.33
C GLN A 7 2.00 -0.23 -1.07
N HIS A 8 1.99 -1.20 -1.98
CA HIS A 8 1.60 -0.91 -3.36
C HIS A 8 0.20 -0.33 -3.39
N THR A 9 -0.51 -0.52 -2.29
CA THR A 9 -1.87 -0.02 -2.18
C THR A 9 -1.87 1.43 -1.71
N VAL A 10 -0.76 1.82 -1.11
CA VAL A 10 -0.61 3.19 -0.61
C VAL A 10 -0.45 4.14 -1.80
N THR A 11 -0.25 3.55 -2.97
CA THR A 11 -0.09 4.34 -4.18
C THR A 11 -1.41 5.00 -4.58
N THR A 12 -2.38 4.16 -4.89
CA THR A 12 -3.69 4.65 -5.28
C THR A 12 -4.56 4.88 -4.04
N THR A 13 -3.98 5.54 -3.05
CA THR A 13 -4.70 5.84 -1.83
C THR A 13 -3.88 6.80 -0.95
N THR A 14 -2.57 6.58 -0.95
CA THR A 14 -1.67 7.42 -0.17
C THR A 14 -2.16 7.51 1.28
N LYS A 15 -2.39 6.35 1.87
CA LYS A 15 -2.85 6.29 3.24
C LYS A 15 -1.81 6.93 4.16
N GLY A 16 -2.13 8.12 4.64
CA GLY A 16 -1.24 8.84 5.52
C GLY A 16 -1.30 8.29 6.94
N VAL A 1 1.59 -11.76 5.75
CA VAL A 1 1.99 -11.62 4.36
C VAL A 1 1.06 -10.63 3.67
N ASN A 2 1.35 -9.35 3.86
CA ASN A 2 0.55 -8.30 3.27
C ASN A 2 1.20 -6.94 3.56
N ILE A 3 2.52 -6.94 3.58
CA ILE A 3 3.27 -5.72 3.84
C ILE A 3 3.43 -4.93 2.55
N THR A 4 3.92 -5.63 1.53
CA THR A 4 4.13 -5.00 0.23
C THR A 4 2.79 -4.61 -0.39
N ILE A 5 1.85 -5.56 -0.35
CA ILE A 5 0.54 -5.33 -0.89
C ILE A 5 -0.04 -4.03 -0.34
N LYS A 6 0.01 -3.92 0.98
CA LYS A 6 -0.49 -2.73 1.65
C LYS A 6 0.29 -1.51 1.19
N GLN A 7 1.53 -1.76 0.78
CA GLN A 7 2.39 -0.70 0.31
C GLN A 7 1.97 -0.26 -1.10
N HIS A 8 1.96 -1.23 -2.01
CA HIS A 8 1.59 -0.95 -3.39
C HIS A 8 0.21 -0.29 -3.41
N THR A 9 -0.52 -0.45 -2.33
CA THR A 9 -1.85 0.11 -2.22
C THR A 9 -1.76 1.57 -1.73
N VAL A 10 -0.65 1.88 -1.10
CA VAL A 10 -0.44 3.23 -0.59
C VAL A 10 -0.30 4.20 -1.76
N THR A 11 -0.19 3.63 -2.95
CA THR A 11 -0.05 4.43 -4.15
C THR A 11 -1.43 4.91 -4.63
N THR A 12 -2.36 3.97 -4.68
CA THR A 12 -3.71 4.28 -5.11
C THR A 12 -4.62 4.52 -3.91
N THR A 13 -4.10 5.28 -2.96
CA THR A 13 -4.85 5.60 -1.75
C THR A 13 -4.09 6.62 -0.90
N THR A 14 -2.78 6.45 -0.88
CA THR A 14 -1.93 7.35 -0.11
C THR A 14 -2.30 7.28 1.38
N LYS A 15 -2.46 6.06 1.86
CA LYS A 15 -2.80 5.85 3.26
C LYS A 15 -1.73 6.49 4.15
N GLY A 16 -2.18 7.02 5.28
CA GLY A 16 -1.29 7.66 6.22
C GLY A 16 -1.60 7.23 7.66
N VAL A 1 0.69 -12.68 4.07
CA VAL A 1 1.53 -11.82 3.23
C VAL A 1 0.70 -10.61 2.77
N ASN A 2 1.07 -9.46 3.30
CA ASN A 2 0.37 -8.22 2.95
C ASN A 2 1.31 -7.04 3.21
N ILE A 3 2.60 -7.30 3.10
CA ILE A 3 3.59 -6.26 3.32
C ILE A 3 3.56 -5.29 2.15
N THR A 4 4.31 -5.63 1.10
CA THR A 4 4.37 -4.79 -0.08
C THR A 4 2.96 -4.48 -0.60
N ILE A 5 2.02 -5.34 -0.20
CA ILE A 5 0.65 -5.17 -0.62
C ILE A 5 0.09 -3.88 -0.03
N LYS A 6 -0.01 -3.86 1.30
CA LYS A 6 -0.53 -2.69 2.00
C LYS A 6 0.17 -1.44 1.46
N GLN A 7 1.41 -1.62 1.02
CA GLN A 7 2.19 -0.53 0.49
C GLN A 7 1.70 -0.15 -0.91
N HIS A 8 1.63 -1.16 -1.76
CA HIS A 8 1.18 -0.96 -3.13
C HIS A 8 -0.22 -0.32 -3.12
N THR A 9 -0.88 -0.44 -1.98
CA THR A 9 -2.21 0.11 -1.82
C THR A 9 -2.13 1.60 -1.49
N VAL A 10 -0.98 2.01 -1.00
CA VAL A 10 -0.76 3.40 -0.64
C VAL A 10 -0.57 4.23 -1.90
N THR A 11 0.01 3.58 -2.91
CA THR A 11 0.25 4.25 -4.17
C THR A 11 -1.06 4.70 -4.82
N THR A 12 -1.96 3.73 -4.97
CA THR A 12 -3.26 4.01 -5.55
C THR A 12 -4.10 4.87 -4.61
N THR A 13 -4.03 4.53 -3.34
CA THR A 13 -4.78 5.27 -2.32
C THR A 13 -4.04 6.56 -1.94
N THR A 14 -2.94 6.80 -2.64
CA THR A 14 -2.13 7.99 -2.39
C THR A 14 -2.08 8.28 -0.89
N LYS A 15 -1.76 7.23 -0.13
CA LYS A 15 -1.66 7.37 1.31
C LYS A 15 -0.26 7.84 1.68
N GLY A 16 0.00 9.10 1.38
CA GLY A 16 1.30 9.69 1.68
C GLY A 16 1.90 10.35 0.43
N VAL A 1 3.06 -12.67 3.62
CA VAL A 1 3.40 -11.26 3.63
C VAL A 1 2.22 -10.45 3.08
N ASN A 2 1.90 -9.36 3.78
CA ASN A 2 0.81 -8.50 3.37
C ASN A 2 1.23 -7.04 3.54
N ILE A 3 2.53 -6.84 3.68
CA ILE A 3 3.07 -5.50 3.84
C ILE A 3 3.27 -4.87 2.47
N THR A 4 3.91 -5.63 1.59
CA THR A 4 4.17 -5.15 0.24
C THR A 4 2.86 -4.78 -0.46
N ILE A 5 1.85 -5.61 -0.24
CA ILE A 5 0.54 -5.39 -0.84
C ILE A 5 -0.02 -4.07 -0.33
N LYS A 6 0.06 -3.88 0.98
CA LYS A 6 -0.43 -2.67 1.60
C LYS A 6 0.41 -1.47 1.13
N GLN A 7 1.64 -1.78 0.74
CA GLN A 7 2.55 -0.76 0.27
C GLN A 7 2.14 -0.26 -1.12
N HIS A 8 2.04 -1.21 -2.03
CA HIS A 8 1.66 -0.90 -3.40
C HIS A 8 0.24 -0.33 -3.42
N THR A 9 -0.46 -0.54 -2.31
CA THR A 9 -1.83 -0.06 -2.18
C THR A 9 -1.83 1.40 -1.70
N VAL A 10 -0.72 1.79 -1.09
CA VAL A 10 -0.58 3.14 -0.58
C VAL A 10 -0.46 4.12 -1.76
N THR A 11 -0.25 3.55 -2.94
CA THR A 11 -0.12 4.35 -4.14
C THR A 11 -1.46 4.99 -4.50
N THR A 12 -2.42 4.13 -4.79
CA THR A 12 -3.75 4.60 -5.17
C THR A 12 -4.61 4.81 -3.92
N THR A 13 -4.02 5.47 -2.93
CA THR A 13 -4.72 5.74 -1.69
C THR A 13 -3.92 6.72 -0.82
N THR A 14 -2.60 6.52 -0.83
CA THR A 14 -1.72 7.37 -0.06
C THR A 14 -2.10 7.32 1.42
N LYS A 15 -2.26 6.11 1.92
CA LYS A 15 -2.61 5.92 3.32
C LYS A 15 -1.83 6.90 4.18
N GLY A 16 -0.60 7.15 3.77
CA GLY A 16 0.27 8.06 4.49
C GLY A 16 1.74 7.87 4.10
N VAL A 1 3.45 -12.56 2.97
CA VAL A 1 3.68 -11.16 3.31
C VAL A 1 2.48 -10.33 2.85
N ASN A 2 2.14 -9.34 3.68
CA ASN A 2 1.02 -8.47 3.37
C ASN A 2 1.45 -7.01 3.56
N ILE A 3 2.76 -6.82 3.63
CA ILE A 3 3.32 -5.48 3.81
C ILE A 3 3.45 -4.81 2.44
N THR A 4 3.99 -5.56 1.50
CA THR A 4 4.18 -5.05 0.15
C THR A 4 2.83 -4.72 -0.48
N ILE A 5 1.88 -5.62 -0.31
CA ILE A 5 0.56 -5.43 -0.86
C ILE A 5 -0.05 -4.15 -0.28
N LYS A 6 0.07 -4.01 1.02
CA LYS A 6 -0.46 -2.84 1.71
C LYS A 6 0.31 -1.59 1.25
N GLN A 7 1.54 -1.83 0.81
CA GLN A 7 2.39 -0.74 0.35
C GLN A 7 1.94 -0.28 -1.04
N HIS A 8 1.92 -1.22 -1.97
CA HIS A 8 1.51 -0.92 -3.33
C HIS A 8 0.09 -0.34 -3.33
N THR A 9 -0.60 -0.55 -2.22
CA THR A 9 -1.95 -0.06 -2.08
C THR A 9 -1.94 1.41 -1.63
N VAL A 10 -0.81 1.81 -1.07
CA VAL A 10 -0.66 3.18 -0.60
C VAL A 10 -0.45 4.11 -1.80
N THR A 11 -0.22 3.49 -2.95
CA THR A 11 0.00 4.24 -4.17
C THR A 11 -1.28 4.98 -4.58
N THR A 12 -2.30 4.19 -4.91
CA THR A 12 -3.58 4.75 -5.32
C THR A 12 -4.44 5.05 -4.09
N THR A 13 -3.81 5.67 -3.10
CA THR A 13 -4.51 6.02 -1.87
C THR A 13 -3.70 7.05 -1.08
N THR A 14 -2.40 6.85 -1.05
CA THR A 14 -1.51 7.75 -0.34
C THR A 14 -1.89 7.81 1.15
N LYS A 15 -2.04 6.63 1.72
CA LYS A 15 -2.40 6.53 3.12
C LYS A 15 -1.28 7.13 3.98
N GLY A 16 -0.06 6.97 3.50
CA GLY A 16 1.09 7.49 4.20
C GLY A 16 2.38 6.82 3.70
N VAL A 1 3.65 -11.54 4.45
CA VAL A 1 3.63 -11.49 3.00
C VAL A 1 2.45 -10.64 2.53
N ASN A 2 2.13 -9.64 3.34
CA ASN A 2 1.02 -8.75 3.03
C ASN A 2 1.43 -7.31 3.32
N ILE A 3 2.74 -7.12 3.45
CA ILE A 3 3.28 -5.79 3.74
C ILE A 3 3.41 -5.00 2.44
N THR A 4 4.03 -5.64 1.45
CA THR A 4 4.22 -5.02 0.16
C THR A 4 2.87 -4.66 -0.46
N ILE A 5 1.90 -5.54 -0.26
CA ILE A 5 0.57 -5.32 -0.81
C ILE A 5 0.00 -4.02 -0.23
N LYS A 6 0.06 -3.92 1.09
CA LYS A 6 -0.44 -2.74 1.77
C LYS A 6 0.33 -1.51 1.29
N GLN A 7 1.57 -1.76 0.86
CA GLN A 7 2.42 -0.69 0.39
C GLN A 7 1.98 -0.23 -1.01
N HIS A 8 1.93 -1.20 -1.92
CA HIS A 8 1.51 -0.92 -3.29
C HIS A 8 0.10 -0.34 -3.29
N THR A 9 -0.58 -0.53 -2.16
CA THR A 9 -1.94 -0.03 -2.03
C THR A 9 -1.95 1.43 -1.62
N VAL A 10 -0.82 1.86 -1.06
CA VAL A 10 -0.68 3.24 -0.63
C VAL A 10 -0.49 4.14 -1.85
N THR A 11 -0.24 3.50 -2.99
CA THR A 11 -0.03 4.23 -4.22
C THR A 11 -1.32 4.94 -4.64
N THR A 12 -2.33 4.14 -4.97
CA THR A 12 -3.61 4.67 -5.38
C THR A 12 -4.48 4.99 -4.16
N THR A 13 -3.86 5.65 -3.20
CA THR A 13 -4.55 6.02 -1.97
C THR A 13 -3.77 7.08 -1.22
N THR A 14 -2.46 6.90 -1.19
CA THR A 14 -1.59 7.83 -0.49
C THR A 14 -1.96 7.91 0.99
N LYS A 15 -2.09 6.74 1.61
CA LYS A 15 -2.44 6.66 3.01
C LYS A 15 -1.37 7.38 3.84
N GLY A 16 -1.84 8.17 4.79
CA GLY A 16 -0.94 8.92 5.65
C GLY A 16 -0.55 10.25 5.02
#